data_2JIH
#
_entry.id   2JIH
#
_cell.length_a   51.579
_cell.length_b   64.396
_cell.length_c   113.524
_cell.angle_alpha   90.00
_cell.angle_beta   90.91
_cell.angle_gamma   90.00
#
_symmetry.space_group_name_H-M   'P 1 21 1'
#
loop_
_entity.id
_entity.type
_entity.pdbx_description
1 polymer ADAMTS-1
2 non-polymer (2S,3R)-N~4~-[(1S)-2,2-dimethyl-1-(methylcarbamoyl)propyl]-N~1~,2-dihydroxy-3-(2-methylpropyl)butanediamide
3 non-polymer 'ZINC ION'
4 non-polymer 'CADMIUM ION'
5 non-polymer 'NICKEL (II) ION'
6 non-polymer 'MAGNESIUM ION'
7 non-polymer 'SODIUM ION'
8 water water
#
_entity_poly.entity_id   1
_entity_poly.type   'polypeptide(L)'
_entity_poly.pdbx_seq_one_letter_code
;FVSSHRYVETMLVADQSMAEFHGSGLKHYLLTLFSVAARLYKHPSIRNSVSLVVVKILVIHDEQKGPEVTSNAALTLRNF
CNWQKQHNPPSDRDAEHYDTAILFTRQDLCGSQTCDTLGMADVGTVCDPSRSCSVIEDDGLQAAFTTAHELGHVFNMPHD
DAKQCASLNGVNQDSHMMASMLSNLDHSQPWSPCSAYMITSFLDNGHGECLMDKPQNPIQLPGDLPGTSYDANRQCQFTF
GEDSKHCPDAASTCSTLWCTGTSGGVLVCQTKHFPWADGTSCGEGKWCINGKCVNKLVPR
;
_entity_poly.pdbx_strand_id   A,B
#
# COMPACT_ATOMS: atom_id res chain seq x y z
N SER A 4 -7.69 19.29 30.43
CA SER A 4 -8.03 17.84 30.64
C SER A 4 -8.35 17.16 29.31
N HIS A 5 -7.82 15.95 29.17
CA HIS A 5 -7.63 15.33 27.89
C HIS A 5 -8.71 14.27 27.66
N ARG A 6 -9.33 14.31 26.48
CA ARG A 6 -10.29 13.30 26.06
C ARG A 6 -9.62 12.34 25.08
N TYR A 7 -9.77 11.05 25.37
CA TYR A 7 -9.22 10.00 24.55
C TYR A 7 -10.45 9.27 24.06
N VAL A 8 -10.62 9.24 22.75
CA VAL A 8 -11.74 8.54 22.15
C VAL A 8 -11.28 7.15 21.75
N GLU A 9 -11.54 6.19 22.63
CA GLU A 9 -11.13 4.83 22.37
C GLU A 9 -11.98 4.20 21.28
N THR A 10 -11.34 3.87 20.16
CA THR A 10 -12.10 3.53 18.97
C THR A 10 -11.88 2.10 18.55
N MET A 11 -12.96 1.47 18.07
CA MET A 11 -12.88 0.26 17.25
C MET A 11 -13.17 0.55 15.77
N LEU A 12 -12.25 0.16 14.90
CA LEU A 12 -12.40 0.27 13.46
C LEU A 12 -12.81 -1.12 12.96
N VAL A 13 -13.86 -1.16 12.14
CA VAL A 13 -14.43 -2.42 11.61
C VAL A 13 -14.55 -2.24 10.10
N ALA A 14 -14.19 -3.25 9.32
CA ALA A 14 -14.26 -3.18 7.85
C ALA A 14 -14.88 -4.46 7.33
N ASP A 15 -15.87 -4.30 6.43
CA ASP A 15 -16.63 -5.43 5.91
C ASP A 15 -15.93 -6.25 4.81
N GLN A 16 -16.63 -7.27 4.30
CA GLN A 16 -16.05 -8.18 3.33
C GLN A 16 -15.64 -7.43 2.08
N SER A 17 -16.43 -6.40 1.69
CA SER A 17 -16.11 -5.64 0.48
C SER A 17 -14.76 -4.98 0.63
N MET A 18 -14.48 -4.49 1.84
CA MET A 18 -13.21 -3.87 2.21
C MET A 18 -12.06 -4.84 2.22
N ALA A 19 -12.29 -6.04 2.75
CA ALA A 19 -11.29 -7.11 2.83
C ALA A 19 -10.89 -7.58 1.47
N GLU A 20 -11.90 -7.74 0.62
CA GLU A 20 -11.68 -8.14 -0.76
C GLU A 20 -10.98 -7.08 -1.56
N PHE A 21 -11.40 -5.81 -1.44
CA PHE A 21 -10.80 -4.75 -2.21
C PHE A 21 -9.34 -4.50 -1.79
N HIS A 22 -9.10 -4.38 -0.50
CA HIS A 22 -7.78 -4.02 0.00
C HIS A 22 -6.78 -5.17 0.24
N GLY A 23 -7.28 -6.39 0.42
CA GLY A 23 -6.41 -7.54 0.66
C GLY A 23 -5.56 -7.27 1.88
N SER A 24 -4.25 -7.57 1.80
CA SER A 24 -3.40 -7.49 2.99
C SER A 24 -3.20 -6.05 3.52
N GLY A 25 -3.32 -5.05 2.63
CA GLY A 25 -3.14 -3.64 3.00
C GLY A 25 -4.29 -2.96 3.72
N LEU A 26 -5.35 -3.71 4.03
CA LEU A 26 -6.52 -3.08 4.59
C LEU A 26 -6.26 -2.38 5.94
N LYS A 27 -5.50 -3.00 6.83
CA LYS A 27 -5.34 -2.47 8.20
C LYS A 27 -4.53 -1.17 8.18
N HIS A 28 -3.47 -1.15 7.36
CA HIS A 28 -2.73 0.10 7.12
C HIS A 28 -3.65 1.17 6.53
N TYR A 29 -4.53 0.78 5.63
CA TYR A 29 -5.43 1.77 4.97
C TYR A 29 -6.33 2.39 6.03
N LEU A 30 -6.94 1.57 6.87
CA LEU A 30 -7.85 2.06 7.93
C LEU A 30 -7.18 3.03 8.87
N LEU A 31 -5.99 2.62 9.33
CA LEU A 31 -5.15 3.45 10.21
C LEU A 31 -4.66 4.71 9.57
N THR A 32 -4.50 4.70 8.25
CA THR A 32 -4.12 5.89 7.51
C THR A 32 -5.28 6.90 7.48
N LEU A 33 -6.46 6.39 7.20
CA LEU A 33 -7.69 7.17 7.25
C LEU A 33 -7.88 7.82 8.60
N PHE A 34 -7.66 7.01 9.64
CA PHE A 34 -7.90 7.43 11.01
C PHE A 34 -6.82 8.39 11.50
N SER A 35 -5.57 8.26 11.01
CA SER A 35 -4.49 9.18 11.36
C SER A 35 -4.83 10.60 10.93
N VAL A 36 -5.34 10.74 9.72
CA VAL A 36 -5.85 12.01 9.18
C VAL A 36 -6.97 12.59 10.05
N ALA A 37 -8.01 11.81 10.36
CA ALA A 37 -9.06 12.28 11.29
C ALA A 37 -8.52 12.68 12.67
N ALA A 38 -7.64 11.85 13.20
CA ALA A 38 -7.02 12.14 14.48
C ALA A 38 -6.33 13.51 14.44
N ARG A 39 -5.69 13.83 13.31
CA ARG A 39 -5.04 15.13 13.14
C ARG A 39 -6.02 16.30 13.13
N LEU A 40 -7.12 16.15 12.40
CA LEU A 40 -8.17 17.16 12.38
C LEU A 40 -8.69 17.48 13.80
N TYR A 41 -8.85 16.45 14.63
CA TYR A 41 -9.36 16.60 16.02
C TYR A 41 -8.35 17.23 16.99
N LYS A 42 -7.07 17.31 16.59
CA LYS A 42 -6.03 18.05 17.35
C LYS A 42 -5.91 19.53 16.94
N HIS A 43 -6.71 19.98 15.99
CA HIS A 43 -6.61 21.35 15.55
C HIS A 43 -7.16 22.28 16.62
N PRO A 44 -6.43 23.39 16.92
CA PRO A 44 -6.84 24.27 18.04
C PRO A 44 -8.28 24.82 17.94
N SER A 45 -8.84 24.89 16.73
CA SER A 45 -10.18 25.44 16.51
C SER A 45 -11.30 24.66 17.18
N ILE A 46 -11.03 23.39 17.52
CA ILE A 46 -12.03 22.55 18.19
C ILE A 46 -12.17 22.94 19.69
N ARG A 47 -11.23 23.78 20.16
CA ARG A 47 -11.24 24.37 21.51
C ARG A 47 -11.21 23.36 22.65
N ASN A 48 -10.82 22.12 22.35
CA ASN A 48 -10.76 21.03 23.33
C ASN A 48 -9.61 20.10 23.00
N SER A 49 -9.17 19.34 23.99
CA SER A 49 -8.12 18.35 23.78
C SER A 49 -8.73 16.98 23.56
N VAL A 50 -8.66 16.51 22.31
CA VAL A 50 -9.37 15.29 21.89
C VAL A 50 -8.43 14.37 21.11
N SER A 51 -8.24 13.16 21.64
CA SER A 51 -7.30 12.19 21.08
C SER A 51 -8.03 10.99 20.56
N LEU A 52 -8.15 10.89 19.24
CA LEU A 52 -8.68 9.69 18.65
C LEU A 52 -7.59 8.62 18.70
N VAL A 53 -7.90 7.50 19.36
CA VAL A 53 -7.00 6.36 19.44
C VAL A 53 -7.70 5.06 19.05
N VAL A 54 -6.95 4.12 18.47
CA VAL A 54 -7.53 2.83 18.14
C VAL A 54 -7.12 1.83 19.21
N VAL A 55 -8.11 1.12 19.73
CA VAL A 55 -7.87 0.01 20.66
C VAL A 55 -8.29 -1.34 20.02
N LYS A 56 -8.95 -1.32 18.85
CA LYS A 56 -9.47 -2.55 18.27
C LYS A 56 -9.76 -2.40 16.80
N ILE A 57 -9.33 -3.38 15.99
CA ILE A 57 -9.75 -3.49 14.59
C ILE A 57 -10.39 -4.84 14.34
N LEU A 58 -11.54 -4.86 13.68
CA LEU A 58 -12.14 -6.10 13.25
C LEU A 58 -12.35 -6.12 11.74
N VAL A 59 -11.77 -7.11 11.08
CA VAL A 59 -12.05 -7.28 9.65
C VAL A 59 -13.00 -8.44 9.49
N ILE A 60 -13.95 -8.28 8.59
CA ILE A 60 -15.00 -9.24 8.37
C ILE A 60 -14.71 -9.94 7.06
N HIS A 61 -13.92 -11.00 7.14
CA HIS A 61 -13.60 -11.80 5.97
C HIS A 61 -14.81 -12.67 5.63
N ASP A 62 -15.61 -12.93 6.65
CA ASP A 62 -16.78 -13.81 6.62
C ASP A 62 -18.08 -13.01 6.93
N GLU A 63 -18.88 -12.76 5.90
CA GLU A 63 -20.04 -11.88 6.00
C GLU A 63 -20.97 -12.19 7.18
N GLN A 64 -21.18 -13.49 7.46
CA GLN A 64 -22.01 -13.97 8.60
C GLN A 64 -21.53 -13.53 9.97
N LYS A 65 -20.23 -13.34 10.10
CA LYS A 65 -19.64 -12.81 11.34
C LYS A 65 -19.70 -11.27 11.44
N GLY A 66 -20.37 -10.62 10.52
CA GLY A 66 -20.54 -9.19 10.60
C GLY A 66 -22.01 -8.83 10.63
N PRO A 67 -22.32 -7.53 10.57
CA PRO A 67 -23.68 -7.03 10.40
C PRO A 67 -24.11 -7.11 8.95
N GLU A 68 -25.42 -7.04 8.70
CA GLU A 68 -25.92 -7.01 7.32
C GLU A 68 -25.60 -5.64 6.74
N VAL A 69 -24.72 -5.59 5.72
CA VAL A 69 -24.41 -4.34 5.07
C VAL A 69 -25.24 -4.20 3.80
N THR A 70 -25.92 -3.07 3.67
CA THR A 70 -26.78 -2.81 2.55
C THR A 70 -26.69 -1.34 2.12
N SER A 71 -27.38 -1.01 1.03
CA SER A 71 -27.23 0.29 0.35
C SER A 71 -27.94 1.37 1.15
N ASN A 72 -28.88 0.93 1.97
CA ASN A 72 -29.62 1.74 2.94
C ASN A 72 -28.71 2.19 4.10
N ALA A 73 -28.39 3.47 4.14
CA ALA A 73 -27.38 3.97 5.07
C ALA A 73 -27.78 3.82 6.53
N ALA A 74 -29.03 4.17 6.84
CA ALA A 74 -29.52 4.21 8.20
C ALA A 74 -29.84 2.81 8.76
N LEU A 75 -30.15 1.88 7.88
CA LEU A 75 -30.34 0.50 8.31
C LEU A 75 -28.96 -0.12 8.48
N THR A 76 -28.09 0.06 7.50
CA THR A 76 -26.72 -0.43 7.65
C THR A 76 -26.16 0.04 8.99
N LEU A 77 -26.42 1.28 9.34
CA LEU A 77 -25.97 1.87 10.60
C LEU A 77 -26.67 1.25 11.81
N ARG A 78 -27.97 1.00 11.67
CA ARG A 78 -28.70 0.32 12.73
C ARG A 78 -28.25 -1.15 12.89
N ASN A 79 -28.09 -1.86 11.77
CA ASN A 79 -27.52 -3.21 11.75
C ASN A 79 -26.17 -3.25 12.45
N PHE A 80 -25.34 -2.25 12.13
CA PHE A 80 -23.98 -2.11 12.69
C PHE A 80 -23.94 -1.78 14.19
N CYS A 81 -24.73 -0.79 14.59
CA CYS A 81 -24.71 -0.35 15.97
C CYS A 81 -25.20 -1.45 16.92
N ASN A 82 -26.18 -2.23 16.49
CA ASN A 82 -26.61 -3.40 17.25
C ASN A 82 -25.52 -4.47 17.33
N TRP A 83 -24.93 -4.82 16.18
CA TRP A 83 -23.95 -5.92 16.06
C TRP A 83 -22.66 -5.70 16.89
N GLN A 84 -22.18 -4.45 16.92
CA GLN A 84 -20.97 -4.07 17.64
C GLN A 84 -21.11 -4.21 19.16
N LYS A 85 -22.31 -4.05 19.71
CA LYS A 85 -22.57 -4.26 21.16
C LYS A 85 -21.90 -5.52 21.74
N GLN A 86 -22.13 -6.65 21.06
CA GLN A 86 -21.56 -7.99 21.38
C GLN A 86 -20.03 -8.01 21.44
N HIS A 87 -19.41 -7.00 20.83
CA HIS A 87 -17.98 -6.97 20.69
C HIS A 87 -17.32 -5.99 21.65
N ASN A 88 -18.10 -5.43 22.57
CA ASN A 88 -17.54 -4.52 23.55
C ASN A 88 -17.65 -5.08 24.94
N PRO A 89 -16.49 -5.28 25.61
CA PRO A 89 -16.45 -5.45 27.07
C PRO A 89 -17.21 -4.36 27.83
N PRO A 90 -17.76 -4.68 29.02
CA PRO A 90 -18.67 -3.77 29.71
C PRO A 90 -18.00 -2.69 30.59
N SER A 91 -16.77 -2.94 31.04
CA SER A 91 -16.03 -1.90 31.75
C SER A 91 -15.12 -1.25 30.77
N ASP A 92 -14.87 0.04 30.98
CA ASP A 92 -13.81 0.74 30.26
C ASP A 92 -12.42 0.32 30.78
N ARG A 93 -12.41 -0.44 31.88
CA ARG A 93 -11.19 -0.97 32.49
C ARG A 93 -10.48 -1.94 31.56
N ASP A 94 -11.27 -2.67 30.79
CA ASP A 94 -10.71 -3.58 29.79
C ASP A 94 -10.01 -2.80 28.66
N ALA A 95 -8.74 -3.14 28.42
CA ALA A 95 -7.92 -2.48 27.42
C ALA A 95 -8.57 -2.41 26.04
N GLU A 96 -9.35 -3.43 25.68
CA GLU A 96 -10.06 -3.46 24.40
C GLU A 96 -11.47 -2.81 24.41
N HIS A 97 -11.89 -2.24 25.54
CA HIS A 97 -13.15 -1.51 25.58
C HIS A 97 -13.08 -0.17 24.81
N TYR A 98 -14.09 0.09 23.97
CA TYR A 98 -14.12 1.24 23.05
C TYR A 98 -15.30 2.11 23.36
N ASP A 99 -15.05 3.40 23.25
CA ASP A 99 -16.06 4.40 23.38
C ASP A 99 -16.81 4.60 22.06
N THR A 100 -16.26 4.16 20.93
CA THR A 100 -16.98 4.37 19.67
C THR A 100 -16.54 3.38 18.61
N ALA A 101 -17.48 3.01 17.73
CA ALA A 101 -17.26 2.05 16.67
C ALA A 101 -17.58 2.66 15.33
N ILE A 102 -16.78 2.34 14.31
CA ILE A 102 -16.89 2.92 12.99
C ILE A 102 -16.76 1.83 11.96
N LEU A 103 -17.76 1.69 11.09
CA LEU A 103 -17.76 0.72 9.97
C LEU A 103 -17.40 1.36 8.65
N PHE A 104 -16.43 0.75 7.97
CA PHE A 104 -16.06 1.13 6.65
C PHE A 104 -16.60 0.11 5.69
N THR A 105 -17.35 0.55 4.67
CA THR A 105 -17.73 -0.33 3.57
C THR A 105 -17.39 0.30 2.20
N ARG A 106 -17.12 -0.54 1.20
CA ARG A 106 -17.07 -0.11 -0.20
C ARG A 106 -18.48 0.00 -0.80
N GLN A 107 -19.49 -0.55 -0.12
CA GLN A 107 -20.87 -0.37 -0.52
C GLN A 107 -21.27 1.12 -0.62
N ASP A 108 -21.83 1.46 -1.77
CA ASP A 108 -22.37 2.79 -2.04
C ASP A 108 -23.57 2.97 -1.12
N LEU A 109 -23.47 3.90 -0.17
CA LEU A 109 -24.53 4.14 0.80
C LEU A 109 -25.53 5.08 0.19
N CYS A 110 -26.81 4.89 0.52
CA CYS A 110 -27.86 5.76 0.00
C CYS A 110 -28.73 6.27 1.14
N GLY A 111 -29.03 7.56 1.08
CA GLY A 111 -30.04 8.16 1.91
C GLY A 111 -31.46 7.92 1.40
N SER A 112 -32.37 8.79 1.83
CA SER A 112 -33.80 8.68 1.53
C SER A 112 -34.17 9.41 0.23
N GLN A 113 -33.13 9.72 -0.56
CA GLN A 113 -33.26 10.47 -1.81
C GLN A 113 -32.22 9.95 -2.84
N THR A 114 -30.94 10.14 -2.50
CA THR A 114 -29.84 9.82 -3.43
C THR A 114 -28.85 8.87 -2.78
N CYS A 115 -28.00 8.28 -3.62
CA CYS A 115 -26.85 7.51 -3.15
C CYS A 115 -25.59 8.38 -3.11
N ASP A 116 -25.76 9.68 -3.05
CA ASP A 116 -24.60 10.56 -2.95
C ASP A 116 -24.01 10.45 -1.53
N THR A 117 -24.81 9.96 -0.58
CA THR A 117 -24.40 9.83 0.83
C THR A 117 -23.03 9.20 0.95
N LEU A 118 -22.15 9.81 1.75
CA LEU A 118 -20.82 9.26 2.03
C LEU A 118 -20.67 8.68 3.43
N GLY A 119 -21.54 9.04 4.35
CA GLY A 119 -21.54 8.40 5.66
C GLY A 119 -22.74 8.76 6.48
N MET A 120 -22.87 8.12 7.63
CA MET A 120 -23.92 8.47 8.58
C MET A 120 -23.54 8.18 10.03
N ALA A 121 -24.03 9.05 10.92
CA ALA A 121 -23.91 8.86 12.39
C ALA A 121 -25.10 9.46 13.13
N ASP A 122 -25.31 8.94 14.34
CA ASP A 122 -26.26 9.52 15.29
C ASP A 122 -25.57 10.62 16.11
N VAL A 123 -26.39 11.53 16.61
CA VAL A 123 -25.93 12.79 17.19
C VAL A 123 -25.85 12.71 18.71
N GLY A 124 -24.67 12.96 19.26
CA GLY A 124 -24.51 13.11 20.70
C GLY A 124 -24.36 11.80 21.44
N THR A 125 -23.86 10.77 20.75
CA THR A 125 -23.89 9.40 21.26
C THR A 125 -22.60 8.93 21.93
N VAL A 126 -21.61 9.80 22.10
CA VAL A 126 -20.22 9.30 22.23
C VAL A 126 -19.93 8.30 23.37
N CYS A 127 -20.70 8.40 24.47
CA CYS A 127 -20.47 7.60 25.67
C CYS A 127 -21.64 6.64 25.98
N ASP A 128 -22.47 6.39 24.97
CA ASP A 128 -23.53 5.36 25.00
C ASP A 128 -23.06 4.20 24.09
N PRO A 129 -22.61 3.08 24.69
CA PRO A 129 -22.17 1.86 23.99
C PRO A 129 -23.15 1.24 22.98
N SER A 130 -24.46 1.48 23.17
CA SER A 130 -25.48 0.96 22.28
C SER A 130 -25.71 1.88 21.11
N ARG A 131 -25.17 3.09 21.16
CA ARG A 131 -25.40 4.08 20.08
C ARG A 131 -24.17 4.85 19.57
N SER A 132 -23.01 4.68 20.20
CA SER A 132 -21.80 5.36 19.74
C SER A 132 -21.29 4.69 18.46
N CYS A 133 -21.85 5.10 17.32
CA CYS A 133 -21.60 4.39 16.05
C CYS A 133 -21.68 5.32 14.85
N SER A 134 -20.93 4.97 13.81
CA SER A 134 -21.00 5.66 12.54
C SER A 134 -20.59 4.66 11.44
N VAL A 135 -21.05 4.93 10.22
CA VAL A 135 -20.72 4.11 9.05
C VAL A 135 -20.13 5.01 7.98
N ILE A 136 -19.11 4.52 7.27
CA ILE A 136 -18.36 5.32 6.33
C ILE A 136 -18.20 4.58 5.02
N GLU A 137 -18.60 5.24 3.92
CA GLU A 137 -18.32 4.79 2.59
C GLU A 137 -16.85 5.04 2.23
N ASP A 138 -16.10 3.96 2.02
CA ASP A 138 -14.73 4.11 1.44
C ASP A 138 -14.76 4.49 -0.04
N ASP A 139 -14.59 5.77 -0.32
CA ASP A 139 -14.53 6.27 -1.69
C ASP A 139 -13.13 6.80 -1.90
N GLY A 140 -12.17 6.17 -1.24
CA GLY A 140 -10.79 6.61 -1.24
C GLY A 140 -10.50 7.41 -0.02
N LEU A 141 -9.36 8.10 -0.04
CA LEU A 141 -8.80 8.74 1.14
C LEU A 141 -9.62 9.92 1.65
N GLN A 142 -10.63 10.32 0.88
CA GLN A 142 -11.58 11.33 1.37
C GLN A 142 -12.38 10.78 2.55
N ALA A 143 -12.57 9.46 2.62
CA ALA A 143 -13.18 8.82 3.78
C ALA A 143 -12.63 9.27 5.17
N ALA A 144 -11.41 9.80 5.20
CA ALA A 144 -10.81 10.30 6.42
C ALA A 144 -11.57 11.55 6.89
N PHE A 145 -12.02 12.38 5.93
CA PHE A 145 -12.86 13.54 6.26
C PHE A 145 -14.27 13.11 6.60
N THR A 146 -14.83 12.22 5.81
CA THR A 146 -16.13 11.63 6.16
C THR A 146 -16.07 11.10 7.63
N THR A 147 -15.09 10.28 7.95
CA THR A 147 -14.91 9.82 9.33
C THR A 147 -14.98 10.99 10.33
N ALA A 148 -14.15 12.02 10.12
CA ALA A 148 -14.07 13.17 11.04
C ALA A 148 -15.42 13.84 11.16
N HIS A 149 -16.14 13.93 10.05
CA HIS A 149 -17.45 14.62 10.03
C HIS A 149 -18.49 13.86 10.87
N GLU A 150 -18.54 12.55 10.67
CA GLU A 150 -19.48 11.68 11.38
C GLU A 150 -19.15 11.56 12.85
N LEU A 151 -17.88 11.64 13.19
CA LEU A 151 -17.50 11.64 14.60
C LEU A 151 -17.90 13.00 15.21
N GLY A 152 -18.08 14.02 14.37
CA GLY A 152 -18.61 15.31 14.84
C GLY A 152 -19.97 15.17 15.47
N HIS A 153 -20.89 14.61 14.70
CA HIS A 153 -22.25 14.24 15.14
C HIS A 153 -22.27 13.44 16.42
N VAL A 154 -21.44 12.41 16.47
CA VAL A 154 -21.28 11.59 17.68
C VAL A 154 -20.89 12.46 18.89
N PHE A 155 -20.17 13.56 18.65
CA PHE A 155 -19.81 14.55 19.68
C PHE A 155 -20.90 15.65 19.81
N ASN A 156 -22.06 15.42 19.18
CA ASN A 156 -23.21 16.35 19.20
C ASN A 156 -23.11 17.63 18.38
N MET A 157 -22.12 17.77 17.50
CA MET A 157 -22.14 18.90 16.57
C MET A 157 -23.19 18.65 15.48
N PRO A 158 -24.06 19.65 15.24
CA PRO A 158 -24.96 19.59 14.11
C PRO A 158 -24.29 20.15 12.87
N HIS A 159 -25.04 20.19 11.78
CA HIS A 159 -24.58 20.80 10.57
C HIS A 159 -24.41 22.28 10.76
N ASP A 160 -23.45 22.87 10.06
CA ASP A 160 -23.11 24.27 10.24
C ASP A 160 -24.17 25.21 9.65
N ASP A 161 -25.14 24.66 8.90
CA ASP A 161 -26.23 25.45 8.33
C ASP A 161 -27.54 25.25 9.10
N ALA A 162 -27.42 24.81 10.34
CA ALA A 162 -28.58 24.58 11.19
C ALA A 162 -28.88 25.88 11.92
N LYS A 163 -30.14 26.06 12.28
CA LYS A 163 -30.60 27.34 12.81
C LYS A 163 -29.76 27.73 14.03
N GLN A 164 -29.50 26.76 14.90
CA GLN A 164 -28.72 27.03 16.12
C GLN A 164 -27.32 27.56 15.83
N CYS A 165 -26.77 27.28 14.64
CA CYS A 165 -25.38 27.73 14.35
C CYS A 165 -25.27 29.12 13.77
N ALA A 166 -26.39 29.84 13.70
CA ALA A 166 -26.44 31.13 13.01
C ALA A 166 -25.67 32.23 13.71
N SER A 167 -25.98 32.43 15.00
CA SER A 167 -25.26 33.42 15.83
C SER A 167 -23.76 33.20 15.81
N LEU A 168 -23.37 31.93 15.93
CA LEU A 168 -21.98 31.56 16.18
C LEU A 168 -21.14 31.59 14.92
N ASN A 169 -21.72 31.09 13.82
CA ASN A 169 -21.11 31.20 12.50
C ASN A 169 -21.56 32.52 11.88
N ASP A 174 -19.11 27.52 2.79
CA ASP A 174 -19.27 26.31 3.61
C ASP A 174 -17.90 25.63 3.80
N SER A 175 -17.14 26.13 4.75
CA SER A 175 -15.70 25.93 4.78
C SER A 175 -15.19 25.22 6.03
N HIS A 176 -16.02 24.36 6.62
CA HIS A 176 -15.65 23.69 7.87
C HIS A 176 -16.09 22.23 7.83
N MET A 177 -15.70 21.47 8.86
CA MET A 177 -15.94 20.03 8.90
C MET A 177 -17.41 19.64 8.81
N MET A 178 -18.29 20.39 9.47
CA MET A 178 -19.69 20.01 9.58
C MET A 178 -20.60 20.71 8.55
N ALA A 179 -20.01 21.23 7.49
CA ALA A 179 -20.81 21.57 6.33
C ALA A 179 -21.48 20.28 5.89
N SER A 180 -22.77 20.39 5.57
CA SER A 180 -23.57 19.25 5.14
C SER A 180 -23.19 18.78 3.73
N MET A 181 -22.49 19.63 2.98
CA MET A 181 -21.94 19.24 1.69
C MET A 181 -20.47 19.68 1.57
N LEU A 182 -19.66 18.88 0.87
CA LEU A 182 -18.25 19.22 0.73
C LEU A 182 -18.08 20.48 -0.13
N SER A 183 -17.22 21.36 0.37
CA SER A 183 -16.74 22.52 -0.37
C SER A 183 -15.26 22.66 -0.01
N ASN A 184 -14.63 23.79 -0.31
CA ASN A 184 -13.24 23.99 0.12
C ASN A 184 -13.16 24.22 1.63
N LEU A 185 -12.51 23.28 2.32
CA LEU A 185 -12.28 23.35 3.75
C LEU A 185 -11.28 24.45 4.10
N ASP A 186 -11.60 25.26 5.10
CA ASP A 186 -10.72 26.31 5.58
C ASP A 186 -9.63 25.66 6.41
N HIS A 187 -8.46 25.45 5.80
CA HIS A 187 -7.44 24.64 6.42
C HIS A 187 -6.83 25.28 7.66
N SER A 188 -7.02 26.58 7.82
CA SER A 188 -6.52 27.26 9.02
C SER A 188 -7.52 27.14 10.18
N GLN A 189 -8.80 26.94 9.87
CA GLN A 189 -9.83 26.79 10.92
C GLN A 189 -10.88 25.78 10.46
N PRO A 190 -10.56 24.47 10.52
CA PRO A 190 -11.47 23.46 10.02
C PRO A 190 -12.78 23.34 10.80
N TRP A 191 -12.75 23.67 12.09
CA TRP A 191 -13.96 23.61 12.91
C TRP A 191 -14.59 25.01 13.06
N SER A 192 -15.86 25.10 12.69
CA SER A 192 -16.63 26.32 12.82
C SER A 192 -16.82 26.70 14.27
N PRO A 193 -17.08 27.99 14.51
CA PRO A 193 -17.50 28.40 15.85
C PRO A 193 -18.69 27.60 16.42
N CYS A 194 -19.60 27.13 15.57
CA CYS A 194 -20.71 26.34 16.09
C CYS A 194 -20.26 24.97 16.59
N SER A 195 -19.39 24.33 15.81
CA SER A 195 -18.84 23.03 16.16
C SER A 195 -18.05 23.11 17.45
N ALA A 196 -17.28 24.17 17.61
CA ALA A 196 -16.46 24.32 18.80
C ALA A 196 -17.32 24.45 20.07
N TYR A 197 -18.41 25.22 19.96
CA TYR A 197 -19.34 25.51 21.07
C TYR A 197 -20.16 24.28 21.43
N MET A 198 -20.64 23.57 20.41
CA MET A 198 -21.53 22.42 20.61
C MET A 198 -20.83 21.18 21.22
N ILE A 199 -19.59 20.92 20.82
CA ILE A 199 -18.80 19.89 21.48
C ILE A 199 -18.40 20.32 22.87
N THR A 200 -18.07 21.61 23.04
CA THR A 200 -17.74 22.16 24.35
C THR A 200 -18.90 21.97 25.31
N SER A 201 -20.08 22.45 24.95
CA SER A 201 -21.28 22.30 25.81
C SER A 201 -21.51 20.84 26.25
N PHE A 202 -21.45 19.94 25.27
CA PHE A 202 -21.64 18.50 25.44
C PHE A 202 -20.74 17.95 26.55
N LEU A 203 -19.47 18.34 26.51
CA LEU A 203 -18.50 17.84 27.49
C LEU A 203 -18.65 18.54 28.85
N ASP A 204 -18.94 19.85 28.81
CA ASP A 204 -19.19 20.65 30.03
C ASP A 204 -20.41 20.13 30.78
N ASN A 205 -21.42 19.70 30.03
CA ASN A 205 -22.61 19.02 30.54
C ASN A 205 -22.34 17.58 30.97
N GLY A 206 -21.11 17.11 30.78
CA GLY A 206 -20.63 15.92 31.44
C GLY A 206 -20.95 14.66 30.67
N HIS A 207 -21.12 14.80 29.36
CA HIS A 207 -21.65 13.74 28.54
C HIS A 207 -20.54 12.90 27.91
N GLY A 208 -19.28 13.30 28.15
CA GLY A 208 -18.11 12.54 27.74
C GLY A 208 -17.26 12.02 28.87
N GLU A 209 -17.88 11.57 29.96
CA GLU A 209 -17.16 11.02 31.10
C GLU A 209 -16.36 9.72 30.74
N CYS A 210 -16.83 8.97 29.74
CA CYS A 210 -16.15 7.75 29.32
C CYS A 210 -14.88 8.04 28.51
N LEU A 211 -14.66 9.31 28.16
CA LEU A 211 -13.50 9.72 27.41
C LEU A 211 -12.32 10.18 28.26
N MET A 212 -12.40 10.01 29.59
CA MET A 212 -11.37 10.58 30.47
C MET A 212 -10.17 9.66 30.65
N ASP A 213 -10.42 8.35 30.57
CA ASP A 213 -9.39 7.34 30.83
C ASP A 213 -8.47 7.14 29.64
N LYS A 214 -7.20 6.88 29.93
CA LYS A 214 -6.21 6.65 28.88
C LYS A 214 -6.32 5.26 28.28
N PRO A 215 -5.98 5.15 26.97
CA PRO A 215 -5.90 3.86 26.31
C PRO A 215 -4.73 3.05 26.81
N GLN A 216 -4.91 1.73 26.87
CA GLN A 216 -3.83 0.82 27.21
C GLN A 216 -3.46 0.10 25.93
N ASN A 217 -2.17 0.03 25.64
CA ASN A 217 -1.68 -0.57 24.41
C ASN A 217 -2.54 -0.26 23.16
N PRO A 218 -2.71 1.04 22.85
CA PRO A 218 -3.44 1.43 21.65
C PRO A 218 -2.68 1.05 20.38
N ILE A 219 -3.40 0.87 19.28
CA ILE A 219 -2.75 0.53 18.04
C ILE A 219 -2.13 1.79 17.41
N GLN A 220 -0.83 1.67 17.14
CA GLN A 220 0.04 2.68 16.61
C GLN A 220 -0.53 3.33 15.32
N LEU A 221 -0.76 4.65 15.35
CA LEU A 221 -1.10 5.42 14.13
C LEU A 221 0.12 5.84 13.29
N PRO A 222 0.02 5.71 11.94
CA PRO A 222 1.08 6.12 11.03
C PRO A 222 1.38 7.60 11.15
N GLY A 223 2.65 7.95 11.36
CA GLY A 223 3.04 9.36 11.56
C GLY A 223 3.29 10.10 10.26
N ASP A 224 3.48 9.36 9.18
CA ASP A 224 3.70 9.88 7.84
C ASP A 224 2.40 10.46 7.27
N LEU A 225 2.55 11.35 6.29
CA LEU A 225 1.37 11.91 5.61
C LEU A 225 0.85 10.80 4.70
N PRO A 226 -0.45 10.84 4.35
CA PRO A 226 -1.05 9.70 3.63
C PRO A 226 -0.49 9.52 2.23
N GLY A 227 -0.13 10.61 1.57
CA GLY A 227 0.56 10.56 0.28
C GLY A 227 1.97 9.98 0.29
N THR A 228 2.60 9.92 1.45
CA THR A 228 3.80 9.10 1.61
C THR A 228 3.52 7.60 1.43
N SER A 229 2.39 7.14 1.97
CA SER A 229 1.95 5.76 1.75
C SER A 229 1.38 5.48 0.36
N TYR A 230 0.62 6.44 -0.20
CA TYR A 230 -0.25 6.18 -1.32
C TYR A 230 -0.10 7.21 -2.45
N ASP A 231 0.56 6.84 -3.54
CA ASP A 231 0.75 7.76 -4.64
C ASP A 231 -0.55 8.04 -5.38
N ALA A 232 -0.48 8.97 -6.35
CA ALA A 232 -1.61 9.39 -7.14
C ALA A 232 -2.37 8.24 -7.79
N ASN A 233 -1.64 7.29 -8.37
CA ASN A 233 -2.27 6.12 -9.05
C ASN A 233 -3.03 5.31 -8.04
N ARG A 234 -2.47 5.20 -6.84
CA ARG A 234 -3.11 4.43 -5.76
C ARG A 234 -4.39 5.08 -5.27
N GLN A 235 -4.37 6.41 -5.18
CA GLN A 235 -5.55 7.19 -4.77
C GLN A 235 -6.68 7.09 -5.78
N CYS A 236 -6.32 7.15 -7.06
CA CYS A 236 -7.28 6.92 -8.13
C CYS A 236 -7.87 5.54 -8.06
N GLN A 237 -7.04 4.55 -7.79
CA GLN A 237 -7.54 3.19 -7.55
C GLN A 237 -8.54 3.15 -6.39
N PHE A 238 -8.23 3.79 -5.26
CA PHE A 238 -9.19 3.79 -4.13
C PHE A 238 -10.55 4.36 -4.48
N THR A 239 -10.58 5.40 -5.31
CA THR A 239 -11.85 6.06 -5.63
C THR A 239 -12.57 5.38 -6.80
N PHE A 240 -11.82 5.01 -7.83
CA PHE A 240 -12.43 4.55 -9.08
C PHE A 240 -12.23 3.09 -9.44
N GLY A 241 -11.62 2.30 -8.54
CA GLY A 241 -11.41 0.88 -8.79
C GLY A 241 -10.00 0.59 -9.26
N GLU A 242 -9.58 -0.66 -9.19
CA GLU A 242 -8.17 -0.96 -9.46
C GLU A 242 -7.66 -0.67 -10.87
N ASP A 243 -8.54 -0.50 -11.85
CA ASP A 243 -8.07 -0.24 -13.22
C ASP A 243 -7.81 1.24 -13.46
N SER A 244 -8.29 2.08 -12.56
CA SER A 244 -8.01 3.49 -12.66
C SER A 244 -6.57 3.75 -12.23
N LYS A 245 -6.06 4.85 -12.76
CA LYS A 245 -4.77 5.41 -12.44
C LYS A 245 -4.87 6.90 -12.70
N HIS A 246 -3.86 7.61 -12.30
CA HIS A 246 -3.83 9.04 -12.38
C HIS A 246 -3.83 9.51 -13.84
N CYS A 247 -4.63 10.55 -14.11
CA CYS A 247 -4.68 11.18 -15.43
C CYS A 247 -3.63 12.31 -15.63
N PRO A 248 -3.99 13.60 -15.37
CA PRO A 248 -3.49 14.74 -16.19
C PRO A 248 -2.28 14.42 -17.08
N THR A 253 -2.37 20.54 -10.42
CA THR A 253 -1.97 19.45 -9.54
C THR A 253 -2.20 19.78 -8.06
N CYS A 254 -2.46 18.73 -7.29
CA CYS A 254 -2.71 18.80 -5.86
C CYS A 254 -4.13 19.26 -5.50
N SER A 255 -4.77 20.08 -6.34
CA SER A 255 -6.08 20.63 -5.96
C SER A 255 -7.20 19.68 -6.30
N THR A 256 -7.10 19.02 -7.45
CA THR A 256 -8.12 18.06 -7.89
C THR A 256 -7.48 16.83 -8.50
N LEU A 257 -7.86 15.68 -8.00
CA LEU A 257 -7.38 14.42 -8.54
C LEU A 257 -8.31 13.94 -9.64
N TRP A 258 -7.74 13.87 -10.84
CA TRP A 258 -8.37 13.28 -11.99
C TRP A 258 -7.75 11.92 -12.24
N CYS A 259 -8.61 11.02 -12.74
CA CYS A 259 -8.33 9.61 -12.79
C CYS A 259 -8.88 9.06 -14.11
N THR A 260 -8.20 8.06 -14.66
CA THR A 260 -8.59 7.43 -15.90
C THR A 260 -9.91 6.63 -15.75
N GLY A 261 -10.60 6.39 -16.88
CA GLY A 261 -11.82 5.59 -16.92
C GLY A 261 -12.22 5.11 -18.32
N VAL A 266 -11.01 5.90 -26.03
CA VAL A 266 -10.13 7.06 -25.95
C VAL A 266 -9.88 7.49 -24.50
N LEU A 267 -8.81 8.27 -24.32
CA LEU A 267 -8.50 8.87 -23.02
C LEU A 267 -9.77 9.51 -22.43
N VAL A 268 -10.46 8.78 -21.55
CA VAL A 268 -11.47 9.34 -20.63
C VAL A 268 -10.87 9.49 -19.21
N CYS A 269 -11.00 10.69 -18.66
CA CYS A 269 -10.63 10.97 -17.30
C CYS A 269 -11.87 11.49 -16.54
N GLN A 270 -11.87 11.26 -15.23
CA GLN A 270 -13.01 11.57 -14.36
C GLN A 270 -12.52 11.96 -12.99
N THR A 271 -13.40 12.62 -12.21
CA THR A 271 -13.03 13.10 -10.90
C THR A 271 -14.24 13.21 -9.97
N LYS A 272 -14.01 13.16 -8.67
CA LYS A 272 -15.04 13.45 -7.66
C LYS A 272 -14.77 14.83 -7.04
N HIS A 273 -13.83 15.58 -7.64
CA HIS A 273 -13.46 16.93 -7.20
C HIS A 273 -12.81 16.98 -5.84
N PHE A 274 -12.08 15.93 -5.52
CA PHE A 274 -11.33 15.85 -4.27
C PHE A 274 -9.88 16.21 -4.48
N PRO A 275 -9.22 16.70 -3.43
CA PRO A 275 -7.83 16.99 -3.61
C PRO A 275 -6.94 15.72 -3.59
N TRP A 276 -5.70 15.89 -4.01
CA TRP A 276 -4.71 14.85 -3.85
C TRP A 276 -4.47 14.86 -2.36
N ALA A 277 -4.24 13.70 -1.78
CA ALA A 277 -3.84 13.60 -0.39
C ALA A 277 -2.57 14.45 -0.08
N ASP A 278 -2.53 15.02 1.13
CA ASP A 278 -1.30 15.69 1.64
C ASP A 278 -0.17 14.69 1.64
N GLY A 279 0.97 15.08 1.09
CA GLY A 279 2.16 14.22 1.03
C GLY A 279 2.38 13.63 -0.34
N THR A 280 1.38 13.75 -1.20
CA THR A 280 1.44 13.14 -2.51
C THR A 280 2.51 13.83 -3.38
N SER A 281 3.41 13.04 -3.95
CA SER A 281 4.43 13.58 -4.84
C SER A 281 3.84 14.27 -6.05
N CYS A 282 4.28 15.50 -6.29
CA CYS A 282 3.95 16.25 -7.49
C CYS A 282 5.22 16.76 -8.19
N GLY A 283 6.20 15.85 -8.37
CA GLY A 283 7.50 16.21 -8.94
C GLY A 283 8.64 15.95 -7.96
N GLU A 284 9.86 15.95 -8.46
CA GLU A 284 11.02 15.71 -7.61
C GLU A 284 11.16 16.80 -6.54
N GLY A 285 11.23 16.37 -5.28
CA GLY A 285 11.40 17.31 -4.17
C GLY A 285 10.18 18.10 -3.77
N LYS A 286 9.04 17.76 -4.36
CA LYS A 286 7.79 18.45 -4.08
C LYS A 286 6.66 17.49 -3.79
N TRP A 287 5.66 17.99 -3.07
CA TRP A 287 4.50 17.18 -2.75
C TRP A 287 3.30 18.05 -2.41
N CYS A 288 2.12 17.44 -2.32
CA CYS A 288 0.91 18.21 -2.06
C CYS A 288 0.70 18.54 -0.58
N ILE A 289 0.42 19.80 -0.31
CA ILE A 289 -0.05 20.19 1.03
C ILE A 289 -1.19 21.21 0.85
N ASN A 290 -2.36 20.91 1.41
CA ASN A 290 -3.55 21.77 1.30
C ASN A 290 -3.84 22.17 -0.15
N GLY A 291 -3.64 21.21 -1.03
CA GLY A 291 -3.96 21.35 -2.44
C GLY A 291 -3.00 22.23 -3.22
N LYS A 292 -1.73 22.30 -2.77
CA LYS A 292 -0.68 23.05 -3.48
C LYS A 292 0.62 22.23 -3.57
N CYS A 293 1.29 22.34 -4.70
CA CYS A 293 2.53 21.60 -4.89
C CYS A 293 3.66 22.47 -4.30
N VAL A 294 4.10 22.12 -3.11
CA VAL A 294 5.12 22.87 -2.38
C VAL A 294 6.40 22.05 -2.22
N ASN A 295 7.48 22.73 -1.90
CA ASN A 295 8.76 22.06 -1.67
C ASN A 295 8.71 21.27 -0.37
N LYS A 296 9.28 20.08 -0.39
CA LYS A 296 9.30 19.26 0.83
C LYS A 296 10.16 19.92 1.94
N LEU A 297 11.29 20.52 1.54
CA LEU A 297 12.12 21.30 2.45
C LEU A 297 11.61 22.73 2.52
N VAL A 298 11.06 23.11 3.67
CA VAL A 298 10.46 24.43 3.87
C VAL A 298 11.48 25.51 4.34
N PRO A 299 11.48 26.68 3.66
CA PRO A 299 12.49 27.73 3.84
C PRO A 299 12.38 28.48 5.17
N SER B 4 25.71 3.02 -26.07
CA SER B 4 24.69 1.94 -26.30
C SER B 4 23.84 1.63 -25.06
N HIS B 5 22.71 2.30 -24.98
CA HIS B 5 21.77 2.11 -23.90
C HIS B 5 20.90 0.89 -24.24
N ARG B 6 20.87 -0.11 -23.36
CA ARG B 6 19.95 -1.26 -23.51
C ARG B 6 18.69 -0.99 -22.67
N TYR B 7 17.52 -1.33 -23.24
CA TYR B 7 16.22 -1.22 -22.56
C TYR B 7 15.57 -2.60 -22.56
N VAL B 8 15.47 -3.21 -21.37
CA VAL B 8 14.84 -4.51 -21.20
C VAL B 8 13.36 -4.27 -20.99
N GLU B 9 12.61 -4.51 -22.04
CA GLU B 9 11.15 -4.33 -22.07
C GLU B 9 10.49 -5.55 -21.48
N THR B 10 9.74 -5.33 -20.41
CA THR B 10 9.32 -6.41 -19.57
C THR B 10 7.81 -6.42 -19.39
N MET B 11 7.24 -7.62 -19.58
CA MET B 11 5.94 -7.96 -19.03
C MET B 11 6.07 -8.63 -17.65
N LEU B 12 5.36 -8.07 -16.67
CA LEU B 12 5.16 -8.74 -15.37
C LEU B 12 3.79 -9.44 -15.35
N VAL B 13 3.76 -10.71 -14.94
CA VAL B 13 2.51 -11.45 -14.82
C VAL B 13 2.35 -11.85 -13.37
N ALA B 14 1.12 -11.83 -12.89
CA ALA B 14 0.82 -12.13 -11.49
C ALA B 14 -0.33 -13.10 -11.45
N ASP B 15 -0.15 -14.20 -10.73
CA ASP B 15 -1.18 -15.22 -10.72
C ASP B 15 -2.33 -14.89 -9.77
N GLN B 16 -3.36 -15.74 -9.75
CA GLN B 16 -4.54 -15.50 -8.93
C GLN B 16 -4.21 -15.39 -7.44
N SER B 17 -3.24 -16.18 -6.97
CA SER B 17 -2.77 -16.10 -5.57
C SER B 17 -2.35 -14.69 -5.23
N MET B 18 -1.63 -14.05 -6.16
CA MET B 18 -1.15 -12.68 -5.97
C MET B 18 -2.31 -11.66 -5.90
N ALA B 19 -3.29 -11.79 -6.79
CA ALA B 19 -4.53 -10.96 -6.78
C ALA B 19 -5.29 -11.05 -5.46
N GLU B 20 -5.61 -12.29 -5.08
CA GLU B 20 -6.22 -12.59 -3.80
C GLU B 20 -5.53 -11.83 -2.68
N PHE B 21 -4.24 -12.09 -2.51
CA PHE B 21 -3.47 -11.59 -1.39
C PHE B 21 -3.31 -10.08 -1.35
N HIS B 22 -2.91 -9.45 -2.46
CA HIS B 22 -2.66 -7.99 -2.49
C HIS B 22 -3.87 -7.14 -2.90
N GLY B 23 -4.91 -7.73 -3.47
CA GLY B 23 -6.06 -6.94 -3.89
C GLY B 23 -5.65 -5.82 -4.85
N SER B 24 -6.19 -4.61 -4.65
CA SER B 24 -5.93 -3.49 -5.55
C SER B 24 -4.51 -2.93 -5.43
N GLY B 25 -3.86 -3.22 -4.29
CA GLY B 25 -2.45 -2.89 -4.08
C GLY B 25 -1.49 -3.69 -4.95
N LEU B 26 -1.97 -4.66 -5.69
CA LEU B 26 -1.04 -5.56 -6.40
C LEU B 26 -0.08 -4.79 -7.33
N LYS B 27 -0.59 -3.97 -8.24
CA LYS B 27 0.26 -3.39 -9.29
C LYS B 27 1.36 -2.54 -8.67
N HIS B 28 0.98 -1.67 -7.72
CA HIS B 28 1.98 -0.88 -7.01
C HIS B 28 3.06 -1.81 -6.45
N TYR B 29 2.64 -2.92 -5.83
CA TYR B 29 3.56 -3.89 -5.25
C TYR B 29 4.56 -4.49 -6.22
N LEU B 30 4.06 -4.89 -7.39
CA LEU B 30 4.91 -5.44 -8.48
C LEU B 30 5.89 -4.46 -9.05
N LEU B 31 5.45 -3.22 -9.20
CA LEU B 31 6.28 -2.18 -9.75
C LEU B 31 7.31 -1.76 -8.73
N THR B 32 6.94 -1.91 -7.48
CA THR B 32 7.83 -1.62 -6.38
C THR B 32 8.96 -2.64 -6.34
N LEU B 33 8.62 -3.90 -6.57
CA LEU B 33 9.61 -4.98 -6.67
C LEU B 33 10.56 -4.70 -7.83
N PHE B 34 9.99 -4.47 -9.00
CA PHE B 34 10.76 -4.19 -10.21
C PHE B 34 11.69 -2.97 -10.09
N SER B 35 11.23 -1.93 -9.38
CA SER B 35 12.02 -0.71 -9.25
C SER B 35 13.35 -0.96 -8.54
N VAL B 36 13.34 -1.89 -7.58
CA VAL B 36 14.54 -2.25 -6.85
C VAL B 36 15.52 -2.95 -7.80
N ALA B 37 15.00 -3.90 -8.61
CA ALA B 37 15.79 -4.64 -9.59
C ALA B 37 16.44 -3.70 -10.59
N ALA B 38 15.64 -2.75 -11.07
CA ALA B 38 16.11 -1.71 -11.99
C ALA B 38 17.25 -0.91 -11.39
N ARG B 39 17.12 -0.53 -10.12
CA ARG B 39 18.18 0.24 -9.47
C ARG B 39 19.46 -0.57 -9.47
N LEU B 40 19.37 -1.85 -9.12
CA LEU B 40 20.55 -2.75 -9.08
C LEU B 40 21.25 -2.88 -10.42
N TYR B 41 20.47 -3.11 -11.46
CA TYR B 41 20.94 -3.10 -12.84
C TYR B 41 21.50 -1.75 -13.31
N LYS B 42 21.27 -0.66 -12.55
CA LYS B 42 21.94 0.63 -12.86
C LYS B 42 23.28 0.83 -12.18
N HIS B 43 23.61 -0.03 -11.24
CA HIS B 43 24.86 0.07 -10.52
C HIS B 43 26.06 -0.10 -11.48
N PRO B 44 27.06 0.78 -11.38
CA PRO B 44 28.22 0.74 -12.27
C PRO B 44 28.95 -0.61 -12.37
N SER B 45 28.96 -1.39 -11.28
CA SER B 45 29.69 -2.67 -11.24
C SER B 45 29.22 -3.66 -12.32
N ILE B 46 28.05 -3.42 -12.92
CA ILE B 46 27.56 -4.28 -13.99
C ILE B 46 28.22 -3.91 -15.34
N ARG B 47 28.91 -2.77 -15.39
CA ARG B 47 29.78 -2.36 -16.54
C ARG B 47 29.04 -2.12 -17.86
N ASN B 48 27.71 -2.07 -17.81
CA ASN B 48 26.85 -1.93 -18.97
C ASN B 48 25.69 -0.95 -18.67
N SER B 49 25.13 -0.32 -19.71
CA SER B 49 23.97 0.61 -19.59
C SER B 49 22.68 -0.14 -19.88
N VAL B 50 21.96 -0.50 -18.83
CA VAL B 50 20.81 -1.39 -18.92
C VAL B 50 19.64 -0.82 -18.11
N SER B 51 18.55 -0.46 -18.81
CA SER B 51 17.31 0.00 -18.18
C SER B 51 16.22 -1.03 -18.24
N LEU B 52 15.86 -1.57 -17.06
CA LEU B 52 14.70 -2.44 -16.98
C LEU B 52 13.48 -1.55 -17.06
N VAL B 53 12.58 -1.86 -17.97
CA VAL B 53 11.37 -1.07 -18.09
C VAL B 53 10.14 -1.96 -18.26
N VAL B 54 9.01 -1.48 -17.77
CA VAL B 54 7.75 -2.25 -17.84
C VAL B 54 6.83 -1.77 -18.96
N VAL B 55 6.50 -2.65 -19.90
CA VAL B 55 5.59 -2.31 -21.02
C VAL B 55 4.24 -3.00 -20.91
N LYS B 56 4.13 -3.93 -19.97
CA LYS B 56 2.89 -4.69 -19.81
C LYS B 56 2.84 -5.34 -18.43
N ILE B 57 1.61 -5.46 -17.92
CA ILE B 57 1.31 -6.17 -16.68
C ILE B 57 0.05 -6.96 -16.94
N LEU B 58 0.02 -8.20 -16.47
CA LEU B 58 -1.15 -9.04 -16.56
C LEU B 58 -1.44 -9.61 -15.19
N VAL B 59 -2.71 -9.48 -14.75
CA VAL B 59 -3.16 -10.10 -13.51
C VAL B 59 -4.20 -11.17 -13.82
N ILE B 60 -3.95 -12.36 -13.32
CA ILE B 60 -4.85 -13.48 -13.49
C ILE B 60 -5.86 -13.50 -12.33
N HIS B 61 -6.99 -12.82 -12.49
CA HIS B 61 -8.08 -12.93 -11.50
C HIS B 61 -8.74 -14.30 -11.64
N ASP B 62 -8.76 -14.78 -12.89
CA ASP B 62 -9.34 -16.05 -13.28
C ASP B 62 -8.26 -17.08 -13.60
N GLU B 63 -8.00 -17.96 -12.63
CA GLU B 63 -6.99 -19.01 -12.74
C GLU B 63 -7.02 -19.80 -14.07
N GLN B 64 -8.22 -19.97 -14.63
CA GLN B 64 -8.40 -20.73 -15.88
C GLN B 64 -7.73 -20.04 -17.07
N LYS B 65 -7.85 -18.72 -17.18
CA LYS B 65 -7.19 -17.99 -18.28
C LYS B 65 -5.75 -17.47 -17.91
N GLY B 66 -5.04 -18.23 -17.07
CA GLY B 66 -3.62 -18.03 -16.80
C GLY B 66 -2.82 -19.31 -17.03
N PRO B 67 -1.53 -19.30 -16.66
CA PRO B 67 -0.71 -20.50 -16.76
C PRO B 67 -0.89 -21.47 -15.56
N GLU B 68 -0.58 -22.74 -15.83
CA GLU B 68 -0.69 -23.82 -14.86
C GLU B 68 0.50 -23.77 -13.89
N VAL B 69 0.22 -23.42 -12.63
CA VAL B 69 1.24 -23.26 -11.59
C VAL B 69 1.16 -24.38 -10.54
N THR B 70 2.31 -24.91 -10.15
CA THR B 70 2.42 -25.92 -9.11
C THR B 70 3.66 -25.63 -8.28
N SER B 71 3.91 -26.43 -7.24
CA SER B 71 5.09 -26.27 -6.38
C SER B 71 6.41 -26.52 -7.12
N ASN B 72 6.35 -27.35 -8.16
CA ASN B 72 7.54 -27.65 -8.93
C ASN B 72 7.94 -26.41 -9.74
N ALA B 73 9.08 -25.85 -9.38
CA ALA B 73 9.53 -24.57 -9.96
C ALA B 73 9.80 -24.67 -11.45
N ALA B 74 10.49 -25.75 -11.85
CA ALA B 74 10.87 -25.96 -13.25
C ALA B 74 9.67 -26.03 -14.20
N LEU B 75 8.73 -26.93 -13.92
CA LEU B 75 7.61 -27.13 -14.83
C LEU B 75 6.76 -25.88 -14.90
N THR B 76 6.68 -25.17 -13.78
CA THR B 76 5.94 -23.91 -13.68
C THR B 76 6.55 -22.86 -14.60
N LEU B 77 7.88 -22.77 -14.59
CA LEU B 77 8.62 -21.88 -15.49
C LEU B 77 8.36 -22.27 -16.95
N ARG B 78 8.63 -23.54 -17.27
CA ARG B 78 8.40 -24.12 -18.59
C ARG B 78 6.99 -23.80 -19.10
N ASN B 79 6.00 -24.02 -18.25
CA ASN B 79 4.60 -23.80 -18.58
C ASN B 79 4.28 -22.33 -18.79
N PHE B 80 4.82 -21.48 -17.92
CA PHE B 80 4.62 -20.03 -18.00
C PHE B 80 5.23 -19.48 -19.28
N CYS B 81 6.45 -19.91 -19.56
CA CYS B 81 7.12 -19.50 -20.78
C CYS B 81 6.40 -19.96 -22.05
N ASN B 82 5.80 -21.16 -22.03
CA ASN B 82 4.91 -21.63 -23.13
C ASN B 82 3.62 -20.79 -23.23
N TRP B 83 3.00 -20.54 -22.08
CA TRP B 83 1.78 -19.72 -21.97
C TRP B 83 1.95 -18.31 -22.49
N GLN B 84 3.02 -17.65 -22.06
CA GLN B 84 3.23 -16.22 -22.33
C GLN B 84 3.36 -15.85 -23.81
N LYS B 85 3.90 -16.76 -24.63
CA LYS B 85 4.15 -16.51 -26.06
C LYS B 85 3.00 -15.72 -26.74
N GLN B 86 1.78 -16.15 -26.46
CA GLN B 86 0.57 -15.64 -27.13
C GLN B 86 0.20 -14.21 -26.78
N HIS B 87 0.77 -13.70 -25.69
CA HIS B 87 0.48 -12.33 -25.27
C HIS B 87 1.55 -11.35 -25.80
N ASN B 88 2.59 -11.88 -26.44
CA ASN B 88 3.66 -11.07 -27.02
C ASN B 88 3.35 -10.88 -28.51
N PRO B 89 2.97 -9.65 -28.90
CA PRO B 89 2.77 -9.43 -30.33
C PRO B 89 4.09 -9.63 -31.08
N PRO B 90 4.04 -10.15 -32.34
CA PRO B 90 5.18 -10.64 -33.12
C PRO B 90 6.41 -9.73 -33.29
N SER B 91 6.21 -8.43 -33.56
CA SER B 91 7.36 -7.54 -33.81
C SER B 91 7.55 -6.50 -32.71
N ASP B 92 8.82 -6.22 -32.39
CA ASP B 92 9.17 -5.24 -31.34
C ASP B 92 8.89 -3.80 -31.81
N ARG B 93 8.24 -3.66 -32.95
CA ARG B 93 7.70 -2.36 -33.38
C ARG B 93 6.43 -2.02 -32.57
N ASP B 94 5.79 -3.05 -32.00
CA ASP B 94 4.58 -2.90 -31.19
C ASP B 94 4.90 -2.44 -29.76
N ALA B 95 4.14 -1.44 -29.30
CA ALA B 95 4.34 -0.80 -28.00
C ALA B 95 4.33 -1.77 -26.82
N GLU B 96 3.53 -2.82 -26.92
CA GLU B 96 3.39 -3.82 -25.86
C GLU B 96 4.23 -5.09 -26.04
N HIS B 97 4.96 -5.18 -27.16
CA HIS B 97 5.91 -6.26 -27.32
C HIS B 97 7.01 -6.07 -26.27
N TYR B 98 7.39 -7.17 -25.62
CA TYR B 98 8.37 -7.18 -24.53
C TYR B 98 9.49 -8.13 -24.88
N ASP B 99 10.65 -7.87 -24.27
CA ASP B 99 11.88 -8.68 -24.51
C ASP B 99 12.06 -9.78 -23.44
N THR B 100 11.36 -9.65 -22.32
CA THR B 100 11.40 -10.64 -21.24
C THR B 100 10.12 -10.60 -20.43
N ALA B 101 9.84 -11.70 -19.74
CA ALA B 101 8.60 -11.83 -18.96
C ALA B 101 8.83 -12.54 -17.65
N ILE B 102 8.19 -12.02 -16.59
CA ILE B 102 8.40 -12.51 -15.24
C ILE B 102 7.05 -12.90 -14.62
N LEU B 103 6.99 -14.09 -14.02
CA LEU B 103 5.81 -14.56 -13.27
C LEU B 103 6.05 -14.47 -11.77
N PHE B 104 5.11 -13.83 -11.07
CA PHE B 104 5.11 -13.75 -9.61
C PHE B 104 3.96 -14.59 -9.07
N THR B 105 4.27 -15.47 -8.11
CA THR B 105 3.24 -16.29 -7.46
C THR B 105 3.50 -16.37 -5.94
N ARG B 106 2.45 -16.56 -5.16
CA ARG B 106 2.60 -16.73 -3.70
C ARG B 106 2.81 -18.20 -3.36
N GLN B 107 2.72 -19.06 -4.39
CA GLN B 107 3.01 -20.49 -4.28
C GLN B 107 4.46 -20.71 -3.85
N ASP B 108 4.63 -21.57 -2.85
CA ASP B 108 5.93 -22.01 -2.38
C ASP B 108 6.48 -22.97 -3.41
N LEU B 109 7.55 -22.56 -4.08
CA LEU B 109 8.22 -23.34 -5.14
C LEU B 109 9.27 -24.27 -4.56
N CYS B 110 9.60 -25.34 -5.28
CA CYS B 110 10.52 -26.34 -4.75
C CYS B 110 11.56 -26.78 -5.78
N GLY B 111 12.80 -26.96 -5.32
CA GLY B 111 13.88 -27.54 -6.15
C GLY B 111 13.85 -29.07 -6.21
N SER B 112 15.00 -29.70 -6.42
CA SER B 112 15.05 -31.17 -6.59
C SER B 112 14.60 -31.87 -5.30
N GLN B 113 15.38 -31.70 -4.23
CA GLN B 113 14.99 -32.11 -2.87
C GLN B 113 14.27 -30.98 -2.17
N THR B 114 14.85 -29.79 -2.28
CA THR B 114 14.42 -28.64 -1.48
C THR B 114 13.08 -28.05 -1.88
N CYS B 115 12.49 -27.30 -0.97
CA CYS B 115 11.35 -26.49 -1.31
C CYS B 115 11.58 -25.04 -0.78
N ASP B 116 12.85 -24.73 -0.52
CA ASP B 116 13.28 -23.40 -0.07
C ASP B 116 13.52 -22.44 -1.26
N THR B 117 13.33 -22.94 -2.48
CA THR B 117 13.65 -22.24 -3.72
C THR B 117 12.86 -20.93 -3.89
N LEU B 118 13.56 -19.86 -4.24
CA LEU B 118 12.96 -18.54 -4.33
C LEU B 118 12.58 -18.13 -5.73
N GLY B 119 13.22 -18.68 -6.75
CA GLY B 119 12.93 -18.30 -8.13
C GLY B 119 13.64 -19.14 -9.16
N MET B 120 13.26 -19.01 -10.44
CA MET B 120 13.86 -19.76 -11.54
C MET B 120 13.81 -19.04 -12.89
N ALA B 121 14.79 -19.37 -13.74
CA ALA B 121 15.02 -18.71 -15.02
C ALA B 121 16.08 -19.53 -15.73
N ASP B 122 15.91 -19.76 -17.03
CA ASP B 122 16.98 -20.36 -17.83
C ASP B 122 18.09 -19.34 -18.11
N VAL B 123 19.26 -19.84 -18.50
CA VAL B 123 20.45 -19.01 -18.62
C VAL B 123 20.65 -18.50 -20.05
N GLY B 124 20.69 -17.18 -20.19
CA GLY B 124 21.18 -16.55 -21.42
C GLY B 124 20.17 -16.57 -22.55
N THR B 125 18.97 -16.08 -22.25
CA THR B 125 17.79 -16.24 -23.10
C THR B 125 17.14 -14.93 -23.56
N VAL B 126 17.73 -13.80 -23.20
CA VAL B 126 17.02 -12.53 -23.23
C VAL B 126 16.37 -12.13 -24.58
N CYS B 127 17.00 -12.41 -25.72
CA CYS B 127 16.37 -12.01 -26.99
C CYS B 127 15.74 -13.17 -27.77
N ASP B 128 15.47 -14.26 -27.06
CA ASP B 128 14.64 -15.37 -27.53
C ASP B 128 13.25 -15.25 -26.84
N PRO B 129 12.28 -14.68 -27.55
CA PRO B 129 10.96 -14.46 -26.94
C PRO B 129 10.18 -15.72 -26.52
N SER B 130 10.62 -16.88 -26.99
CA SER B 130 10.08 -18.15 -26.51
C SER B 130 10.75 -18.65 -25.22
N ARG B 131 11.90 -18.09 -24.84
CA ARG B 131 12.64 -18.57 -23.64
C ARG B 131 12.95 -17.50 -22.62
N SER B 132 12.68 -16.22 -22.94
CA SER B 132 13.06 -15.13 -22.05
C SER B 132 12.05 -15.02 -20.93
N CYS B 133 12.20 -15.90 -19.95
CA CYS B 133 11.21 -16.06 -18.92
C CYS B 133 11.89 -16.36 -17.61
N SER B 134 11.25 -15.91 -16.53
CA SER B 134 11.62 -16.35 -15.19
C SER B 134 10.37 -16.44 -14.29
N VAL B 135 10.52 -17.06 -13.12
CA VAL B 135 9.46 -17.17 -12.14
C VAL B 135 10.00 -16.81 -10.76
N ILE B 136 9.26 -15.96 -10.06
CA ILE B 136 9.64 -15.45 -8.75
C ILE B 136 8.61 -15.90 -7.70
N GLU B 137 9.12 -16.40 -6.59
CA GLU B 137 8.27 -16.65 -5.41
C GLU B 137 8.11 -15.35 -4.61
N ASP B 138 6.87 -14.91 -4.46
CA ASP B 138 6.62 -13.71 -3.67
C ASP B 138 6.62 -14.06 -2.17
N ASP B 139 7.79 -13.85 -1.57
CA ASP B 139 7.99 -14.01 -0.13
C ASP B 139 8.21 -12.62 0.53
N GLY B 140 7.73 -11.57 -0.13
CA GLY B 140 7.93 -10.22 0.34
C GLY B 140 8.91 -9.42 -0.51
N LEU B 141 9.29 -8.26 -0.01
CA LEU B 141 10.11 -7.34 -0.77
C LEU B 141 11.50 -7.90 -1.13
N GLN B 142 11.88 -9.03 -0.50
CA GLN B 142 13.06 -9.82 -0.87
C GLN B 142 12.96 -10.37 -2.30
N ALA B 143 11.71 -10.58 -2.73
CA ALA B 143 11.40 -11.02 -4.07
C ALA B 143 11.98 -10.10 -5.13
N ALA B 144 12.25 -8.86 -4.76
CA ALA B 144 12.88 -7.86 -5.63
C ALA B 144 14.29 -8.28 -6.06
N PHE B 145 15.02 -8.86 -5.11
CA PHE B 145 16.39 -9.30 -5.35
C PHE B 145 16.39 -10.56 -6.21
N THR B 146 15.48 -11.48 -5.87
CA THR B 146 15.27 -12.71 -6.62
C THR B 146 15.09 -12.38 -8.10
N THR B 147 14.16 -11.47 -8.37
CA THR B 147 13.91 -10.95 -9.72
C THR B 147 15.20 -10.53 -10.43
N ALA B 148 16.03 -9.76 -9.75
CA ALA B 148 17.31 -9.33 -10.32
C ALA B 148 18.29 -10.48 -10.54
N HIS B 149 18.20 -11.51 -9.70
CA HIS B 149 19.09 -12.69 -9.78
C HIS B 149 18.70 -13.56 -10.97
N GLU B 150 17.42 -13.86 -11.07
CA GLU B 150 16.88 -14.60 -12.19
C GLU B 150 17.13 -13.85 -13.50
N LEU B 151 17.06 -12.53 -13.48
CA LEU B 151 17.31 -11.75 -14.68
C LEU B 151 18.78 -11.76 -15.04
N GLY B 152 19.64 -12.15 -14.09
CA GLY B 152 21.07 -12.31 -14.35
C GLY B 152 21.30 -13.55 -15.16
N HIS B 153 20.60 -14.62 -14.79
CA HIS B 153 20.61 -15.87 -15.54
C HIS B 153 20.15 -15.64 -16.98
N VAL B 154 18.99 -14.99 -17.14
CA VAL B 154 18.48 -14.60 -18.47
C VAL B 154 19.53 -13.85 -19.32
N PHE B 155 20.41 -13.10 -18.67
CA PHE B 155 21.53 -12.42 -19.32
C PHE B 155 22.83 -13.23 -19.28
N ASN B 156 22.73 -14.55 -19.10
CA ASN B 156 23.86 -15.45 -19.25
C ASN B 156 24.83 -15.46 -18.08
N MET B 157 24.44 -14.87 -16.95
CA MET B 157 25.26 -14.96 -15.75
C MET B 157 25.10 -16.30 -15.05
N PRO B 158 26.20 -17.03 -14.83
CA PRO B 158 26.11 -18.17 -13.92
C PRO B 158 26.18 -17.68 -12.48
N HIS B 159 26.05 -18.61 -11.54
CA HIS B 159 26.28 -18.38 -10.13
C HIS B 159 27.74 -18.06 -9.87
N ASP B 160 28.01 -17.29 -8.82
CA ASP B 160 29.38 -16.87 -8.53
C ASP B 160 30.26 -18.00 -7.96
N ASP B 161 29.61 -19.08 -7.53
CA ASP B 161 30.25 -20.25 -6.92
C ASP B 161 30.22 -21.46 -7.86
N ALA B 162 29.99 -21.21 -9.14
CA ALA B 162 30.13 -22.25 -10.15
C ALA B 162 31.57 -22.15 -10.65
N LYS B 163 32.19 -23.29 -10.88
CA LYS B 163 33.62 -23.35 -11.19
C LYS B 163 34.02 -22.46 -12.38
N GLN B 164 33.04 -22.05 -13.19
CA GLN B 164 33.24 -21.10 -14.30
C GLN B 164 33.45 -19.65 -13.83
N CYS B 165 33.03 -19.32 -12.61
CA CYS B 165 33.33 -18.02 -12.04
C CYS B 165 34.60 -18.03 -11.17
N ALA B 166 35.17 -19.21 -10.96
CA ALA B 166 36.22 -19.39 -9.96
C ALA B 166 37.41 -18.43 -10.19
N SER B 167 37.97 -18.43 -11.40
CA SER B 167 39.13 -17.59 -11.71
C SER B 167 38.81 -16.11 -11.78
N LEU B 168 37.67 -15.76 -12.40
CA LEU B 168 37.25 -14.38 -12.51
C LEU B 168 36.96 -13.72 -11.14
N ASN B 169 36.50 -14.50 -10.16
CA ASN B 169 36.03 -13.97 -8.87
C ASN B 169 37.11 -13.99 -7.78
N GLN B 173 31.71 -14.08 -4.28
CA GLN B 173 31.51 -15.52 -4.43
C GLN B 173 30.36 -16.05 -3.55
N ASP B 174 30.01 -15.30 -2.49
CA ASP B 174 28.64 -15.35 -1.92
C ASP B 174 28.19 -13.96 -1.39
N SER B 175 28.82 -12.90 -1.90
CA SER B 175 28.59 -11.51 -1.47
C SER B 175 28.09 -10.62 -2.63
N HIS B 176 27.67 -11.25 -3.73
CA HIS B 176 27.14 -10.55 -4.90
C HIS B 176 25.84 -11.17 -5.35
N MET B 177 25.24 -10.57 -6.38
CA MET B 177 23.89 -10.91 -6.84
C MET B 177 23.70 -12.35 -7.31
N MET B 178 24.75 -12.95 -7.86
CA MET B 178 24.63 -14.26 -8.49
C MET B 178 25.12 -15.40 -7.62
N ALA B 179 25.30 -15.14 -6.33
CA ALA B 179 25.45 -16.21 -5.34
C ALA B 179 24.27 -17.19 -5.44
N SER B 180 24.56 -18.47 -5.37
CA SER B 180 23.50 -19.48 -5.38
C SER B 180 22.70 -19.45 -4.08
N MET B 181 23.36 -19.03 -2.99
CA MET B 181 22.75 -18.97 -1.67
C MET B 181 22.61 -17.52 -1.28
N LEU B 182 21.45 -17.11 -0.80
CA LEU B 182 21.32 -15.75 -0.34
C LEU B 182 22.25 -15.50 0.87
N SER B 183 22.88 -14.34 0.87
CA SER B 183 23.84 -13.98 1.88
C SER B 183 23.92 -12.46 1.92
N ASN B 184 24.81 -11.92 2.74
CA ASN B 184 24.94 -10.48 2.88
C ASN B 184 25.56 -9.84 1.64
N LEU B 185 24.73 -9.13 0.87
CA LEU B 185 25.15 -8.50 -0.38
C LEU B 185 26.05 -7.27 -0.18
N ASP B 186 27.16 -7.23 -0.91
CA ASP B 186 28.02 -6.06 -0.91
C ASP B 186 27.41 -4.94 -1.75
N HIS B 187 27.06 -3.85 -1.07
CA HIS B 187 26.27 -2.78 -1.64
C HIS B 187 27.13 -1.78 -2.40
N SER B 188 28.42 -1.76 -2.13
CA SER B 188 29.37 -0.94 -2.89
C SER B 188 29.60 -1.51 -4.28
N GLN B 189 29.28 -2.79 -4.46
CA GLN B 189 29.30 -3.41 -5.79
C GLN B 189 28.49 -4.72 -5.81
N PRO B 190 27.18 -4.63 -6.12
CA PRO B 190 26.33 -5.81 -6.11
C PRO B 190 26.79 -6.92 -7.05
N TRP B 191 27.36 -6.56 -8.21
CA TRP B 191 27.68 -7.55 -9.26
C TRP B 191 29.13 -8.01 -9.19
N SER B 192 29.34 -9.32 -9.28
CA SER B 192 30.68 -9.87 -9.24
C SER B 192 31.45 -9.51 -10.52
N PRO B 193 32.80 -9.55 -10.45
CA PRO B 193 33.62 -9.49 -11.68
C PRO B 193 33.23 -10.58 -12.70
N CYS B 194 32.90 -11.79 -12.24
CA CYS B 194 32.35 -12.87 -13.11
C CYS B 194 31.01 -12.52 -13.79
N SER B 195 30.10 -11.92 -13.05
CA SER B 195 28.82 -11.48 -13.62
C SER B 195 29.00 -10.44 -14.71
N ALA B 196 29.73 -9.37 -14.37
CA ALA B 196 30.06 -8.27 -15.28
C ALA B 196 30.69 -8.73 -16.58
N TYR B 197 31.64 -9.64 -16.52
CA TYR B 197 32.27 -10.17 -17.75
C TYR B 197 31.26 -10.91 -18.59
N MET B 198 30.45 -11.74 -17.92
CA MET B 198 29.53 -12.66 -18.59
C MET B 198 28.46 -11.89 -19.32
N ILE B 199 27.82 -10.94 -18.63
CA ILE B 199 26.81 -10.14 -19.30
C ILE B 199 27.42 -9.35 -20.46
N THR B 200 28.56 -8.69 -20.24
CA THR B 200 29.21 -7.83 -21.23
C THR B 200 29.56 -8.63 -22.49
N SER B 201 30.06 -9.84 -22.28
CA SER B 201 30.46 -10.71 -23.37
C SER B 201 29.22 -11.22 -24.12
N PHE B 202 28.15 -11.49 -23.38
CA PHE B 202 26.84 -11.84 -23.94
C PHE B 202 26.37 -10.74 -24.91
N LEU B 203 26.45 -9.48 -24.47
CA LEU B 203 25.96 -8.35 -25.27
C LEU B 203 26.90 -7.97 -26.44
N ASP B 204 28.22 -8.10 -26.23
CA ASP B 204 29.23 -7.96 -27.27
C ASP B 204 28.96 -8.92 -28.42
N ASN B 205 28.68 -10.19 -28.10
CA ASN B 205 28.49 -11.22 -29.13
C ASN B 205 27.15 -11.12 -29.88
N GLY B 206 26.31 -10.16 -29.49
CA GLY B 206 25.14 -9.81 -30.26
C GLY B 206 23.84 -10.32 -29.71
N HIS B 207 23.86 -10.88 -28.50
CA HIS B 207 22.70 -11.59 -27.97
C HIS B 207 21.63 -10.72 -27.31
N GLY B 208 21.90 -9.42 -27.17
CA GLY B 208 20.89 -8.45 -26.71
C GLY B 208 20.53 -7.30 -27.65
N GLU B 209 20.45 -7.57 -28.96
CA GLU B 209 20.12 -6.53 -29.93
C GLU B 209 18.64 -6.18 -29.96
N CYS B 210 17.79 -7.07 -29.46
CA CYS B 210 16.39 -6.72 -29.17
C CYS B 210 16.24 -5.70 -28.05
N LEU B 211 17.35 -5.36 -27.37
CA LEU B 211 17.30 -4.41 -26.25
C LEU B 211 17.66 -2.97 -26.67
N MET B 212 17.92 -2.76 -27.95
CA MET B 212 18.40 -1.47 -28.40
C MET B 212 17.30 -0.46 -28.58
N ASP B 213 16.05 -0.92 -28.70
CA ASP B 213 14.91 -0.04 -28.98
C ASP B 213 14.22 0.52 -27.73
N LYS B 214 13.95 1.82 -27.73
CA LYS B 214 13.29 2.46 -26.58
C LYS B 214 11.88 1.94 -26.42
N PRO B 215 11.38 1.89 -25.17
CA PRO B 215 9.96 1.64 -25.01
C PRO B 215 9.11 2.85 -25.39
N GLN B 216 7.93 2.59 -25.95
CA GLN B 216 6.89 3.61 -26.10
C GLN B 216 5.96 3.53 -24.89
N ASN B 217 5.94 4.59 -24.09
CA ASN B 217 4.99 4.71 -22.97
C ASN B 217 5.18 3.55 -21.99
N PRO B 218 6.39 3.41 -21.44
CA PRO B 218 6.52 2.41 -20.41
C PRO B 218 5.62 2.73 -19.23
N ILE B 219 5.29 1.72 -18.44
CA ILE B 219 4.60 1.93 -17.17
C ILE B 219 5.59 2.57 -16.19
N GLN B 220 5.19 3.73 -15.66
CA GLN B 220 6.03 4.54 -14.79
C GLN B 220 6.39 3.75 -13.54
N LEU B 221 7.68 3.73 -13.20
CA LEU B 221 8.17 2.99 -12.03
C LEU B 221 8.34 3.93 -10.86
N PRO B 222 7.98 3.45 -9.63
CA PRO B 222 8.03 4.21 -8.40
C PRO B 222 9.43 4.73 -8.08
N GLY B 223 9.53 5.98 -7.65
CA GLY B 223 10.81 6.62 -7.42
C GLY B 223 11.29 6.70 -5.98
N ASP B 224 10.48 6.24 -5.04
CA ASP B 224 10.87 6.25 -3.64
C ASP B 224 11.33 4.82 -3.24
N LEU B 225 12.17 4.71 -2.21
CA LEU B 225 12.67 3.41 -1.73
C LEU B 225 11.52 2.47 -1.31
N PRO B 226 11.74 1.16 -1.39
CA PRO B 226 10.63 0.23 -1.17
C PRO B 226 10.01 0.26 0.25
N GLY B 227 10.76 0.72 1.24
CA GLY B 227 10.24 0.77 2.59
C GLY B 227 9.42 2.00 2.91
N THR B 228 9.48 3.01 2.02
CA THR B 228 8.67 4.22 2.18
C THR B 228 7.17 3.98 1.92
N SER B 229 6.83 3.13 0.95
CA SER B 229 5.43 2.76 0.69
C SER B 229 4.94 1.75 1.72
N TYR B 230 5.89 0.94 2.22
CA TYR B 230 5.57 -0.22 3.06
C TYR B 230 6.41 -0.33 4.33
N ASP B 231 5.80 0.03 5.46
CA ASP B 231 6.40 -0.15 6.78
C ASP B 231 6.68 -1.60 7.22
N ALA B 232 7.22 -1.74 8.42
CA ALA B 232 7.68 -3.04 8.87
C ALA B 232 6.53 -4.01 9.08
N ASN B 233 5.37 -3.51 9.53
CA ASN B 233 4.19 -4.36 9.67
C ASN B 233 3.74 -4.91 8.31
N ARG B 234 3.70 -4.05 7.28
CA ARG B 234 3.36 -4.50 5.90
C ARG B 234 4.33 -5.57 5.38
N GLN B 235 5.61 -5.33 5.62
CA GLN B 235 6.68 -6.24 5.29
C GLN B 235 6.53 -7.60 5.95
N CYS B 236 6.18 -7.61 7.23
CA CYS B 236 5.84 -8.87 7.89
C CYS B 236 4.64 -9.57 7.27
N GLN B 237 3.61 -8.84 6.90
CA GLN B 237 2.44 -9.46 6.23
C GLN B 237 2.81 -10.06 4.87
N PHE B 238 3.63 -9.40 4.08
CA PHE B 238 4.08 -9.98 2.81
C PHE B 238 4.80 -11.28 3.07
N THR B 239 5.65 -11.32 4.09
CA THR B 239 6.45 -12.55 4.29
C THR B 239 5.67 -13.66 4.97
N PHE B 240 4.89 -13.31 5.97
CA PHE B 240 4.40 -14.31 6.90
C PHE B 240 2.89 -14.37 6.96
N GLY B 241 2.22 -13.56 6.16
CA GLY B 241 0.79 -13.60 6.06
C GLY B 241 0.09 -12.41 6.66
N GLU B 242 -1.19 -12.32 6.35
CA GLU B 242 -2.04 -11.16 6.61
C GLU B 242 -2.08 -10.71 8.07
N ASP B 243 -1.98 -11.66 8.99
CA ASP B 243 -2.04 -11.37 10.43
C ASP B 243 -0.71 -11.15 11.11
N SER B 244 0.41 -11.35 10.40
CA SER B 244 1.72 -11.11 10.98
C SER B 244 1.98 -9.62 11.06
N LYS B 245 2.77 -9.23 12.06
CA LYS B 245 3.18 -7.81 12.23
C LYS B 245 4.62 -7.75 12.72
N HIS B 246 5.18 -6.55 12.74
CA HIS B 246 6.53 -6.42 13.24
C HIS B 246 6.67 -6.94 14.69
N CYS B 247 7.77 -7.61 14.95
CA CYS B 247 8.17 -7.98 16.29
C CYS B 247 9.48 -7.24 16.61
N PRO B 248 9.38 -6.01 17.14
CA PRO B 248 10.54 -5.11 17.24
C PRO B 248 11.90 -5.81 17.41
N THR B 253 17.90 -3.00 14.51
CA THR B 253 16.83 -2.69 13.55
C THR B 253 17.40 -2.28 12.19
N CYS B 254 16.70 -2.72 11.14
CA CYS B 254 17.09 -2.63 9.72
C CYS B 254 17.83 -3.86 9.24
N SER B 255 18.63 -4.49 10.09
CA SER B 255 19.46 -5.63 9.63
C SER B 255 18.70 -6.95 9.51
N THR B 256 17.70 -7.18 10.34
CA THR B 256 16.88 -8.41 10.28
C THR B 256 15.45 -8.10 10.68
N LEU B 257 14.51 -8.42 9.81
CA LEU B 257 13.10 -8.20 10.10
C LEU B 257 12.53 -9.42 10.80
N TRP B 258 12.07 -9.22 12.05
CA TRP B 258 11.35 -10.23 12.81
C TRP B 258 9.84 -9.91 12.85
N CYS B 259 9.03 -10.95 12.78
CA CYS B 259 7.61 -10.81 12.64
C CYS B 259 6.84 -11.73 13.62
N THR B 260 5.63 -11.34 13.98
CA THR B 260 4.85 -12.20 14.86
C THR B 260 4.32 -13.42 14.09
N GLY B 261 4.04 -14.48 14.84
CA GLY B 261 3.37 -15.68 14.33
C GLY B 261 2.61 -16.35 15.47
N THR B 262 2.46 -17.68 15.40
CA THR B 262 1.80 -18.48 16.44
C THR B 262 2.05 -20.00 16.28
N LEU B 267 1.46 -17.08 20.81
CA LEU B 267 2.13 -15.98 20.12
C LEU B 267 3.64 -16.20 20.22
N VAL B 268 4.37 -15.62 19.28
CA VAL B 268 5.66 -16.15 18.88
C VAL B 268 6.24 -15.17 17.89
N CYS B 269 7.56 -15.11 17.75
CA CYS B 269 8.19 -14.30 16.68
C CYS B 269 9.10 -15.14 15.76
N GLN B 270 9.25 -14.70 14.51
CA GLN B 270 9.94 -15.50 13.49
C GLN B 270 10.64 -14.61 12.44
N THR B 271 11.61 -15.17 11.74
CA THR B 271 12.29 -14.41 10.70
C THR B 271 12.76 -15.30 9.58
N LYS B 272 12.93 -14.70 8.39
CA LYS B 272 13.65 -15.31 7.27
C LYS B 272 15.12 -14.88 7.23
N HIS B 273 15.53 -14.00 8.15
CA HIS B 273 16.89 -13.41 8.18
C HIS B 273 17.14 -12.39 7.03
N PHE B 274 16.06 -11.79 6.53
CA PHE B 274 16.17 -10.72 5.52
C PHE B 274 16.20 -9.38 6.26
N PRO B 275 16.95 -8.40 5.75
CA PRO B 275 16.84 -7.09 6.38
C PRO B 275 15.52 -6.42 6.07
N TRP B 276 15.23 -5.39 6.86
CA TRP B 276 14.15 -4.49 6.55
C TRP B 276 14.49 -3.91 5.18
N ALA B 277 13.47 -3.43 4.48
CA ALA B 277 13.66 -2.81 3.19
C ALA B 277 14.27 -1.43 3.38
N ASP B 278 15.07 -1.03 2.41
CA ASP B 278 15.59 0.33 2.32
C ASP B 278 14.40 1.29 2.24
N GLY B 279 14.47 2.36 3.01
CA GLY B 279 13.37 3.32 3.08
C GLY B 279 12.46 3.19 4.28
N THR B 280 12.55 2.07 4.99
CA THR B 280 11.61 1.70 6.05
C THR B 280 11.82 2.61 7.21
N SER B 281 10.72 3.07 7.81
CA SER B 281 10.77 3.90 9.00
C SER B 281 11.34 3.09 10.18
N CYS B 282 12.40 3.58 10.79
CA CYS B 282 13.05 2.89 11.91
C CYS B 282 13.23 3.79 13.14
N GLY B 283 12.53 4.93 13.17
CA GLY B 283 12.72 5.93 14.20
C GLY B 283 12.21 7.29 13.78
N GLU B 284 12.14 8.21 14.74
CA GLU B 284 11.94 9.62 14.44
C GLU B 284 13.03 10.09 13.46
N GLY B 285 12.59 10.61 12.31
CA GLY B 285 13.50 11.20 11.33
C GLY B 285 14.54 10.24 10.80
N LYS B 286 14.24 8.95 10.88
CA LYS B 286 15.18 7.90 10.56
C LYS B 286 14.59 6.81 9.64
N TRP B 287 15.37 6.33 8.70
CA TRP B 287 14.95 5.24 7.86
C TRP B 287 16.10 4.26 7.66
N CYS B 288 15.82 3.08 7.10
CA CYS B 288 16.82 2.01 6.91
C CYS B 288 17.50 2.16 5.58
N ILE B 289 18.82 2.01 5.55
CA ILE B 289 19.55 1.97 4.30
C ILE B 289 20.62 0.88 4.39
N ASN B 290 20.56 -0.11 3.51
CA ASN B 290 21.53 -1.20 3.51
C ASN B 290 21.65 -1.82 4.91
N GLY B 291 20.53 -2.08 5.55
CA GLY B 291 20.54 -2.75 6.86
C GLY B 291 20.92 -1.92 8.09
N LYS B 292 21.10 -0.61 7.93
CA LYS B 292 21.46 0.28 9.04
C LYS B 292 20.46 1.46 9.15
N CYS B 293 20.11 1.87 10.38
CA CYS B 293 19.17 2.97 10.62
C CYS B 293 19.93 4.29 10.55
N VAL B 294 19.60 5.12 9.57
CA VAL B 294 20.31 6.36 9.34
C VAL B 294 19.34 7.54 9.36
N ASN B 295 19.88 8.74 9.42
CA ASN B 295 19.05 9.93 9.42
C ASN B 295 18.37 10.12 8.04
N LYS B 296 17.10 10.49 8.05
CA LYS B 296 16.42 10.94 6.83
C LYS B 296 16.03 12.37 7.11
N LEU B 297 16.76 13.30 6.49
CA LEU B 297 16.47 14.72 6.66
C LEU B 297 15.23 15.19 5.91
N VAL B 298 14.97 14.67 4.72
CA VAL B 298 13.79 15.12 3.96
C VAL B 298 12.54 14.61 4.66
N PRO B 299 11.56 15.51 4.94
CA PRO B 299 10.34 15.11 5.64
C PRO B 299 9.54 14.06 4.92
N ARG B 300 8.83 13.25 5.71
CA ARG B 300 7.87 12.27 5.22
C ARG B 300 6.59 12.33 6.07
#